data_7N1N
#
_entry.id   7N1N
#
_cell.length_a   36.814
_cell.length_b   36.814
_cell.length_c   189.294
_cell.angle_alpha   90.000
_cell.angle_beta   90.000
_cell.angle_gamma   90.000
#
_symmetry.space_group_name_H-M   'P 41 21 2'
#
loop_
_entity.id
_entity.type
_entity.pdbx_description
1 polymer Prx
2 polymer ComR
3 non-polymer '4-(2-HYDROXYETHYL)-1-PIPERAZINE ETHANESULFONIC ACID'
4 water water
#
loop_
_entity_poly.entity_id
_entity_poly.type
_entity_poly.pdbx_seq_one_letter_code
_entity_poly.pdbx_strand_id
1 'polypeptide(L)' MLYIDEFKEAIDKGYILGDTVAIVRKNGKIFDYVLPHEKVRDDEVVTVERVEEVMVELDKLEHHHHHH A
2 'polypeptide(L)' MLKDFGKKIKSLRLEKGLTKEAVCLDESQLSTRQLTRIESGQSTPTLNKAVYIAGRLGVTLGYLTDGE B
#
# COMPACT_ATOMS: atom_id res chain seq x y z
N MET A 1 0.34 0.22 6.67
CA MET A 1 -0.09 -1.21 6.61
C MET A 1 0.50 -1.92 5.40
N LEU A 2 1.19 -3.03 5.65
CA LEU A 2 1.90 -3.76 4.61
C LEU A 2 1.83 -5.25 4.90
N TYR A 3 1.42 -6.03 3.90
CA TYR A 3 1.32 -7.48 4.02
C TYR A 3 2.25 -8.13 3.02
N ILE A 4 2.41 -9.46 3.17
CA ILE A 4 3.44 -10.18 2.44
C ILE A 4 3.22 -10.11 0.94
N ASP A 5 1.97 -10.24 0.49
CA ASP A 5 1.73 -10.28 -0.95
C ASP A 5 2.16 -8.99 -1.63
N GLU A 6 1.90 -7.84 -0.99
CA GLU A 6 2.32 -6.56 -1.55
C GLU A 6 3.84 -6.46 -1.63
N PHE A 7 4.53 -6.93 -0.58
CA PHE A 7 5.98 -6.87 -0.55
C PHE A 7 6.59 -7.83 -1.59
N LYS A 8 6.04 -9.04 -1.68
CA LYS A 8 6.53 -9.98 -2.68
C LYS A 8 6.31 -9.46 -4.09
N GLU A 9 5.18 -8.81 -4.34
CA GLU A 9 4.93 -8.20 -5.64
C GLU A 9 6.02 -7.20 -5.99
N ALA A 10 6.41 -6.36 -5.03
CA ALA A 10 7.43 -5.35 -5.30
C ALA A 10 8.75 -6.01 -5.65
N ILE A 11 9.09 -7.11 -4.98
CA ILE A 11 10.30 -7.86 -5.32
C ILE A 11 10.17 -8.50 -6.70
N ASP A 12 9.08 -9.24 -6.92
CA ASP A 12 8.94 -9.99 -8.16
C ASP A 12 8.91 -9.09 -9.38
N LYS A 13 8.32 -7.90 -9.27
CA LYS A 13 8.25 -6.96 -10.39
C LYS A 13 9.51 -6.13 -10.55
N GLY A 14 10.49 -6.27 -9.67
CA GLY A 14 11.74 -5.57 -9.81
C GLY A 14 11.79 -4.18 -9.22
N TYR A 15 10.79 -3.78 -8.43
CA TYR A 15 10.87 -2.49 -7.76
C TYR A 15 11.82 -2.52 -6.56
N ILE A 16 11.99 -3.69 -5.94
CA ILE A 16 12.89 -3.87 -4.80
C ILE A 16 13.96 -4.86 -5.25
N LEU A 17 15.15 -4.35 -5.55
CA LEU A 17 16.29 -5.16 -5.96
C LEU A 17 17.30 -5.26 -4.82
N GLY A 18 18.02 -6.36 -4.79
CA GLY A 18 19.06 -6.51 -3.80
C GLY A 18 18.54 -6.98 -2.45
N ASP A 19 19.47 -7.01 -1.49
CA ASP A 19 19.23 -7.71 -0.24
C ASP A 19 18.66 -6.85 0.87
N THR A 20 18.65 -5.53 0.72
CA THR A 20 18.16 -4.62 1.74
C THR A 20 17.14 -3.66 1.13
N VAL A 21 16.32 -3.09 2.00
CA VAL A 21 15.30 -2.13 1.58
C VAL A 21 14.97 -1.24 2.77
N ALA A 22 14.57 -0.01 2.49
CA ALA A 22 14.15 0.93 3.53
C ALA A 22 12.75 0.59 3.99
N ILE A 23 12.56 0.53 5.31
CA ILE A 23 11.31 0.12 5.92
C ILE A 23 10.88 1.20 6.90
N VAL A 24 9.60 1.58 6.84
CA VAL A 24 8.98 2.42 7.86
C VAL A 24 8.29 1.50 8.85
N ARG A 25 8.60 1.67 10.13
CA ARG A 25 7.87 1.03 11.22
C ARG A 25 7.05 2.08 11.94
N LYS A 26 5.79 1.75 12.22
CA LYS A 26 4.90 2.62 12.98
C LYS A 26 4.36 1.79 14.13
N ASN A 27 4.44 2.33 15.35
CA ASN A 27 4.08 1.58 16.55
C ASN A 27 4.90 0.29 16.61
N GLY A 28 6.15 0.35 16.12
CA GLY A 28 7.06 -0.76 16.19
C GLY A 28 6.95 -1.77 15.06
N LYS A 29 5.87 -1.74 14.28
CA LYS A 29 5.57 -2.78 13.32
C LYS A 29 5.72 -2.29 11.88
N ILE A 30 6.00 -3.23 10.97
CA ILE A 30 6.25 -2.89 9.58
C ILE A 30 5.03 -2.23 9.00
N PHE A 31 5.19 -0.99 8.52
CA PHE A 31 4.12 -0.14 8.04
C PHE A 31 4.16 0.04 6.53
N ASP A 32 5.34 0.15 5.95
CA ASP A 32 5.53 0.48 4.54
C ASP A 32 7.00 0.25 4.21
N TYR A 33 7.29 0.16 2.92
CA TYR A 33 8.66 0.26 2.43
C TYR A 33 8.83 1.62 1.75
N VAL A 34 10.09 1.99 1.52
CA VAL A 34 10.43 3.25 0.88
C VAL A 34 11.46 3.00 -0.21
N LEU A 35 11.14 3.43 -1.41
CA LEU A 35 12.02 3.32 -2.57
C LEU A 35 12.69 4.65 -2.85
N PRO A 36 13.80 4.62 -3.58
CA PRO A 36 14.51 5.89 -3.86
C PRO A 36 13.58 6.94 -4.45
N HIS A 37 13.70 8.16 -3.93
CA HIS A 37 12.95 9.35 -4.34
C HIS A 37 11.51 9.37 -3.86
N GLU A 38 11.05 8.36 -3.13
CA GLU A 38 9.79 8.49 -2.42
C GLU A 38 10.02 9.26 -1.12
N LYS A 39 9.00 10.02 -0.72
CA LYS A 39 9.13 10.95 0.41
C LYS A 39 8.85 10.25 1.73
N VAL A 40 9.65 10.59 2.74
CA VAL A 40 9.47 10.13 4.11
C VAL A 40 9.19 11.35 4.98
N ARG A 41 8.27 11.22 5.92
CA ARG A 41 7.94 12.32 6.82
C ARG A 41 8.80 12.27 8.06
N ASP A 42 8.93 13.43 8.70
CA ASP A 42 9.91 13.57 9.78
C ASP A 42 9.61 12.67 10.96
N ASP A 43 8.34 12.36 11.20
CA ASP A 43 7.97 11.52 12.33
C ASP A 43 7.82 10.04 11.95
N GLU A 44 8.20 9.66 10.74
CA GLU A 44 8.26 8.26 10.37
C GLU A 44 9.63 7.69 10.76
N VAL A 45 9.62 6.49 11.33
CA VAL A 45 10.86 5.81 11.72
C VAL A 45 11.28 4.91 10.56
N VAL A 46 12.46 5.19 9.98
CA VAL A 46 12.94 4.49 8.80
C VAL A 46 14.21 3.73 9.15
N THR A 47 14.28 2.49 8.68
CA THR A 47 15.42 1.61 8.91
C THR A 47 15.66 0.79 7.66
N VAL A 48 16.94 0.59 7.32
CA VAL A 48 17.32 -0.29 6.23
C VAL A 48 17.41 -1.71 6.76
N GLU A 49 16.54 -2.59 6.26
CA GLU A 49 16.40 -3.95 6.77
C GLU A 49 16.64 -4.95 5.64
N ARG A 50 16.95 -6.18 6.03
CA ARG A 50 17.21 -7.24 5.06
C ARG A 50 15.88 -7.77 4.52
N VAL A 51 15.78 -7.81 3.18
CA VAL A 51 14.53 -8.21 2.54
C VAL A 51 14.06 -9.56 3.04
N GLU A 52 14.98 -10.52 3.18
CA GLU A 52 14.58 -11.85 3.59
C GLU A 52 14.04 -11.87 5.02
N GLU A 53 14.54 -10.99 5.89
CA GLU A 53 14.01 -10.93 7.24
C GLU A 53 12.67 -10.21 7.30
N VAL A 54 12.46 -9.20 6.45
CA VAL A 54 11.15 -8.59 6.34
C VAL A 54 10.12 -9.61 5.90
N MET A 55 10.47 -10.43 4.90
CA MET A 55 9.58 -11.48 4.43
C MET A 55 9.15 -12.40 5.56
N VAL A 56 10.11 -12.84 6.39
CA VAL A 56 9.79 -13.74 7.49
C VAL A 56 8.85 -13.08 8.48
N GLU A 57 9.10 -11.81 8.81
CA GLU A 57 8.26 -11.12 9.78
C GLU A 57 6.86 -10.92 9.23
N LEU A 58 6.74 -10.58 7.95
CA LEU A 58 5.42 -10.39 7.35
C LEU A 58 4.69 -11.72 7.21
N ASP A 59 5.40 -12.82 6.99
CA ASP A 59 4.74 -14.12 6.89
C ASP A 59 4.11 -14.54 8.21
N LYS A 60 4.60 -14.00 9.34
CA LYS A 60 3.99 -14.31 10.62
C LYS A 60 2.52 -13.91 10.64
N LEU A 61 2.16 -12.87 9.90
CA LEU A 61 0.78 -12.40 9.90
C LEU A 61 -0.14 -13.38 9.17
N GLU A 62 0.41 -14.29 8.38
CA GLU A 62 -0.38 -15.21 7.57
C GLU A 62 -0.75 -16.49 8.30
N HIS A 63 -0.26 -16.69 9.51
CA HIS A 63 -0.46 -17.93 10.25
C HIS A 63 -1.65 -17.81 11.19
N HIS A 64 -2.35 -18.92 11.37
CA HIS A 64 -3.55 -18.94 12.19
C HIS A 64 -3.19 -18.84 13.67
N HIS A 65 -3.77 -17.84 14.34
CA HIS A 65 -3.56 -17.63 15.77
C HIS A 65 -4.91 -17.89 16.47
N HIS A 66 -5.05 -19.07 17.06
CA HIS A 66 -6.29 -19.38 17.76
C HIS A 66 -6.40 -18.59 19.07
N HIS A 67 -7.64 -18.26 19.43
CA HIS A 67 -7.94 -17.72 20.75
C HIS A 67 -9.30 -18.22 21.19
N HIS A 68 -9.47 -18.38 22.49
CA HIS A 68 -10.76 -18.75 23.07
C HIS A 68 -11.76 -17.62 22.90
N MET B 1 -8.04 -7.18 -6.87
CA MET B 1 -8.55 -6.09 -7.76
C MET B 1 -7.89 -6.16 -9.12
N LEU B 2 -8.63 -5.80 -10.15
CA LEU B 2 -8.12 -5.82 -11.51
C LEU B 2 -7.38 -4.51 -11.82
N LYS B 3 -6.59 -4.54 -12.88
CA LYS B 3 -5.65 -3.46 -13.16
C LYS B 3 -6.34 -2.14 -13.56
N ASP B 4 -7.60 -2.19 -14.01
CA ASP B 4 -8.24 -0.93 -14.35
C ASP B 4 -8.62 -0.13 -13.10
N PHE B 5 -8.54 -0.73 -11.91
CA PHE B 5 -8.91 -0.01 -10.69
C PHE B 5 -8.02 1.21 -10.48
N GLY B 6 -6.70 1.03 -10.62
CA GLY B 6 -5.80 2.15 -10.46
C GLY B 6 -6.09 3.27 -11.44
N LYS B 7 -6.41 2.92 -12.69
CA LYS B 7 -6.73 3.95 -13.68
C LYS B 7 -7.99 4.70 -13.30
N LYS B 8 -9.02 3.97 -12.84
CA LYS B 8 -10.27 4.61 -12.45
C LYS B 8 -10.05 5.56 -11.27
N ILE B 9 -9.35 5.11 -10.23
CA ILE B 9 -9.29 5.94 -9.03
C ILE B 9 -8.40 7.15 -9.23
N LYS B 10 -7.34 7.04 -10.05
CA LYS B 10 -6.52 8.20 -10.34
C LYS B 10 -7.35 9.27 -11.06
N SER B 11 -8.05 8.88 -12.12
CA SER B 11 -8.83 9.86 -12.87
C SER B 11 -9.95 10.43 -12.01
N LEU B 12 -10.59 9.59 -11.19
CA LEU B 12 -11.66 10.10 -10.33
C LEU B 12 -11.11 11.08 -9.31
N ARG B 13 -9.98 10.75 -8.70
CA ARG B 13 -9.38 11.66 -7.72
C ARG B 13 -9.04 13.01 -8.36
N LEU B 14 -8.40 12.98 -9.51
CA LEU B 14 -8.04 14.22 -10.19
C LEU B 14 -9.28 15.01 -10.56
N GLU B 15 -10.29 14.33 -11.10
CA GLU B 15 -11.54 15.00 -11.46
C GLU B 15 -12.12 15.74 -10.27
N LYS B 16 -12.09 15.14 -9.08
CA LYS B 16 -12.65 15.73 -7.88
C LYS B 16 -11.74 16.76 -7.24
N GLY B 17 -10.54 16.97 -7.79
CA GLY B 17 -9.64 17.94 -7.23
C GLY B 17 -9.06 17.54 -5.90
N LEU B 18 -9.06 16.25 -5.59
CA LEU B 18 -8.56 15.76 -4.31
C LEU B 18 -7.08 15.42 -4.41
N THR B 19 -6.37 15.66 -3.32
CA THR B 19 -4.98 15.27 -3.23
C THR B 19 -4.88 13.81 -2.78
N LYS B 20 -3.69 13.24 -2.98
CA LYS B 20 -3.44 11.92 -2.41
C LYS B 20 -3.50 11.97 -0.90
N GLU B 21 -3.09 13.09 -0.30
CA GLU B 21 -3.16 13.24 1.15
C GLU B 21 -4.60 13.20 1.64
N ALA B 22 -5.51 13.83 0.89
CA ALA B 22 -6.92 13.82 1.27
C ALA B 22 -7.50 12.41 1.20
N VAL B 23 -7.03 11.58 0.27
CA VAL B 23 -7.50 10.20 0.24
C VAL B 23 -6.95 9.42 1.42
N CYS B 24 -5.65 9.57 1.71
CA CYS B 24 -4.99 8.71 2.69
C CYS B 24 -5.12 9.17 4.13
N LEU B 25 -5.39 10.45 4.38
CA LEU B 25 -5.61 10.97 5.73
C LEU B 25 -4.51 10.52 6.69
N ASP B 26 -4.87 9.83 7.78
CA ASP B 26 -3.88 9.44 8.78
C ASP B 26 -2.98 8.30 8.33
N GLU B 27 -3.26 7.72 7.16
CA GLU B 27 -2.45 6.71 6.48
C GLU B 27 -2.43 5.36 7.17
N SER B 28 -3.28 5.15 8.17
CA SER B 28 -3.32 3.84 8.83
C SER B 28 -3.80 2.75 7.90
N GLN B 29 -4.61 3.10 6.90
CA GLN B 29 -5.06 2.13 5.91
C GLN B 29 -4.22 2.15 4.65
N LEU B 30 -3.67 3.31 4.30
CA LEU B 30 -3.01 3.51 3.01
C LEU B 30 -2.10 4.73 3.14
N SER B 31 -0.82 4.57 2.82
CA SER B 31 0.09 5.71 2.79
C SER B 31 0.03 6.37 1.42
N THR B 32 0.43 7.64 1.37
CA THR B 32 0.44 8.34 0.09
C THR B 32 1.42 7.67 -0.88
N ARG B 33 2.53 7.13 -0.38
CA ARG B 33 3.41 6.33 -1.22
C ARG B 33 2.64 5.16 -1.83
N GLN B 34 1.90 4.43 -0.99
CA GLN B 34 1.16 3.26 -1.46
C GLN B 34 0.09 3.64 -2.48
N LEU B 35 -0.61 4.76 -2.25
CA LEU B 35 -1.62 5.18 -3.22
C LEU B 35 -0.97 5.51 -4.57
N THR B 36 0.17 6.21 -4.54
CA THR B 36 0.87 6.51 -5.78
C THR B 36 1.21 5.24 -6.54
N ARG B 37 1.65 4.19 -5.83
CA ARG B 37 2.00 2.95 -6.49
C ARG B 37 0.78 2.27 -7.10
N ILE B 38 -0.38 2.40 -6.44
CA ILE B 38 -1.59 1.79 -6.96
C ILE B 38 -2.02 2.51 -8.23
N GLU B 39 -1.92 3.85 -8.24
CA GLU B 39 -2.42 4.61 -9.37
C GLU B 39 -1.61 4.35 -10.65
N SER B 40 -0.34 4.00 -10.51
CA SER B 40 0.51 3.73 -11.67
C SER B 40 0.47 2.28 -12.10
N GLY B 41 -0.16 1.40 -11.30
CA GLY B 41 -0.13 -0.02 -11.54
C GLY B 41 1.07 -0.73 -10.95
N GLN B 42 2.01 0.02 -10.37
CA GLN B 42 3.16 -0.57 -9.71
C GLN B 42 2.73 -1.61 -8.69
N SER B 43 1.72 -1.29 -7.89
CA SER B 43 1.23 -2.17 -6.85
C SER B 43 -0.24 -2.48 -7.10
N THR B 44 -0.60 -3.74 -6.91
CA THR B 44 -2.00 -4.16 -6.88
C THR B 44 -2.61 -3.77 -5.54
N PRO B 45 -3.76 -3.10 -5.52
CA PRO B 45 -4.39 -2.79 -4.24
C PRO B 45 -5.00 -4.02 -3.60
N THR B 46 -4.85 -4.13 -2.28
CA THR B 46 -5.63 -5.12 -1.56
C THR B 46 -7.11 -4.73 -1.58
N LEU B 47 -7.98 -5.71 -1.34
CA LEU B 47 -9.41 -5.41 -1.25
C LEU B 47 -9.68 -4.38 -0.16
N ASN B 48 -9.02 -4.49 0.98
CA ASN B 48 -9.29 -3.56 2.07
C ASN B 48 -8.81 -2.15 1.72
N LYS B 49 -7.71 -2.03 0.99
CA LYS B 49 -7.29 -0.70 0.56
C LYS B 49 -8.22 -0.15 -0.52
N ALA B 50 -8.70 -1.03 -1.40
CA ALA B 50 -9.60 -0.60 -2.47
C ALA B 50 -10.90 -0.04 -1.91
N VAL B 51 -11.51 -0.75 -0.94
CA VAL B 51 -12.77 -0.27 -0.40
C VAL B 51 -12.55 1.01 0.41
N TYR B 52 -11.37 1.15 1.03
CA TYR B 52 -11.06 2.40 1.73
C TYR B 52 -11.00 3.56 0.74
N ILE B 53 -10.32 3.36 -0.38
CA ILE B 53 -10.22 4.40 -1.41
C ILE B 53 -11.60 4.76 -1.93
N ALA B 54 -12.44 3.76 -2.20
CA ALA B 54 -13.77 4.02 -2.73
C ALA B 54 -14.56 4.93 -1.81
N GLY B 55 -14.56 4.64 -0.51
CA GLY B 55 -15.25 5.51 0.43
C GLY B 55 -14.71 6.93 0.41
N ARG B 56 -13.39 7.07 0.33
CA ARG B 56 -12.80 8.40 0.32
C ARG B 56 -13.16 9.16 -0.95
N LEU B 57 -13.29 8.48 -2.08
CA LEU B 57 -13.65 9.12 -3.34
C LEU B 57 -15.16 9.26 -3.51
N GLY B 58 -15.95 8.77 -2.56
CA GLY B 58 -17.38 9.00 -2.59
C GLY B 58 -18.15 8.14 -3.55
N VAL B 59 -17.68 6.93 -3.84
CA VAL B 59 -18.38 6.01 -4.72
C VAL B 59 -18.41 4.63 -4.07
N THR B 60 -19.42 3.84 -4.44
CA THR B 60 -19.51 2.48 -3.92
C THR B 60 -18.40 1.62 -4.53
N LEU B 61 -18.11 0.49 -3.88
CA LEU B 61 -17.14 -0.46 -4.42
C LEU B 61 -17.62 -1.01 -5.76
N GLY B 62 -18.89 -1.41 -5.83
CA GLY B 62 -19.41 -1.94 -7.07
C GLY B 62 -19.21 -1.00 -8.24
N TYR B 63 -19.33 0.30 -8.00
CA TYR B 63 -19.08 1.27 -9.07
C TYR B 63 -17.69 1.09 -9.66
N LEU B 64 -16.68 1.00 -8.80
CA LEU B 64 -15.30 0.91 -9.26
C LEU B 64 -14.91 -0.48 -9.74
N THR B 65 -15.73 -1.50 -9.46
CA THR B 65 -15.53 -2.83 -10.01
C THR B 65 -16.50 -3.14 -11.14
N ASP B 66 -17.32 -2.16 -11.52
CA ASP B 66 -18.37 -2.32 -12.53
C ASP B 66 -19.18 -3.58 -12.31
N GLY B 67 -19.65 -3.74 -11.08
CA GLY B 67 -20.58 -4.80 -10.76
C GLY B 67 -20.01 -6.20 -10.80
N GLU B 68 -18.71 -6.35 -10.92
CA GLU B 68 -18.09 -7.68 -10.90
C GLU B 68 -17.80 -8.09 -9.45
#